data_2WQ6
#
_entry.id   2WQ6
#
_cell.length_a   89.169
_cell.length_b   87.486
_cell.length_c   91.856
_cell.angle_alpha   90.00
_cell.angle_beta   90.00
_cell.angle_gamma   90.00
#
_symmetry.space_group_name_H-M   'P 21 21 21'
#
loop_
_entity.id
_entity.type
_entity.pdbx_description
1 polymer RE11660P
2 polymer "5'-D(*AP*CP*AP*GP*CP*GP*GP*TDYP*CDWP*GP* CP*AP*AP*GP*T)-3'"
3 polymer "5'-D(*TP*AP*CP*CP*TP*GP*CP*GP*AP*CP* CP*GP*CP*TP*G)-3'"
4 non-polymer 'FLAVIN-ADENINE DINUCLEOTIDE'
5 water water
#
loop_
_entity_poly.entity_id
_entity_poly.type
_entity_poly.pdbx_seq_one_letter_code
_entity_poly.pdbx_strand_id
1 'polypeptide(L)'
;MASWSHPQFEKGASTSLYKKAGLMDSQRSTLVHWFRKGLRLHDNPALSHIFTAANAAPGRYFVRPIFILDPGILDWMQVG
ANRWRFLQQTLEDLDNQLRKLNSRLFVVRGKPAEVFPRIFKSWRVEMLTFETDIEPYSVTRDAAVQKLAKAEGVRVETHC
SHTIYNPELVIAKNLGKAPITYQKFLGIVEQLKVPKVLGVPEKLKNMPTPPKDEVEQKDSAAYDCPTMKQLVKRPEELGP
NKFPGGETEALRRMEESLKDEIWVARFEKPNTAPNSLEPSTTVLSPYLKFGCLSARLFNQKLKEIIKRQPKHSQPPVSLI
GQLMWREFYYTVAAAEPNFDRMLGNVYCMQIPWQEHPDHLEAWTHGRTGYPFIDAIMRQLRQEGWIHHLARHAVACFLTR
GDLWISWEEGQRVFEQLLLDQDWALNAGNWMWLSASAFFHQYFRVYSPVAFGKKTDPQGHYIRKYVPELSKYPAGCIYEP
WKASLVDQRAYGCVLGTDYPHRIVKHEVVHKENIKRMGAAYKVNREVRTGKEEESSFEEKSET
;
A
2 'polydeoxyribonucleotide' (DA)(DC)(DA)(DG)(DC)(DG)(DG)(TDY)(CDW)(DG)(DC)(DA)(DG)(DG)(DT) C
3 'polydeoxyribonucleotide' (DT)(DA)(DC)(DC)(DT)(DG)(DC)(DG)(DA)(DC)(DC)(DG)(DC)(DT)(DG) D
#
loop_
_chem_comp.id
_chem_comp.type
_chem_comp.name
_chem_comp.formula
CDW DNA linking (4R)-3-(2-DEOXY-5-O-PHOSPHONO-BETA-D-ERYTHRO-PENTOFURANOSYL)-1,3-DIAZABICYCLO[2.2.0]HEX-5-EN-2-ONE 'C9 H13 N2 O7 P'
DA DNA linking 2'-DEOXYADENOSINE-5'-MONOPHOSPHATE 'C10 H14 N5 O6 P'
DC DNA linking 2'-DEOXYCYTIDINE-5'-MONOPHOSPHATE 'C9 H14 N3 O7 P'
DG DNA linking 2'-DEOXYGUANOSINE-5'-MONOPHOSPHATE 'C10 H14 N5 O7 P'
DT DNA linking THYMIDINE-5'-MONOPHOSPHATE 'C10 H15 N2 O8 P'
FAD non-polymer 'FLAVIN-ADENINE DINUCLEOTIDE' 'C27 H33 N9 O15 P2'
TDY DNA linking '5-(METHYLAMINO)THYMIDINE 5'-(DIHYDROGEN PHOSPHATE)' 'C11 H20 N3 O8 P'
#
# COMPACT_ATOMS: atom_id res chain seq x y z
N ASP A 25 34.34 -24.80 -11.70
CA ASP A 25 33.13 -24.09 -11.15
C ASP A 25 32.13 -25.03 -10.45
N SER A 26 32.60 -26.23 -10.13
CA SER A 26 31.80 -27.18 -9.37
C SER A 26 32.02 -26.96 -7.88
N GLN A 27 32.86 -25.99 -7.55
CA GLN A 27 33.21 -25.68 -6.17
C GLN A 27 32.70 -24.35 -5.64
N ARG A 28 31.91 -23.63 -6.41
CA ARG A 28 31.42 -22.33 -6.00
C ARG A 28 30.36 -22.36 -4.94
N SER A 29 30.32 -21.32 -4.15
CA SER A 29 29.29 -21.11 -3.15
C SER A 29 28.29 -20.17 -3.78
N THR A 30 27.10 -20.10 -3.23
CA THR A 30 26.07 -19.22 -3.78
C THR A 30 25.73 -18.08 -2.82
N LEU A 31 25.72 -16.86 -3.35
CA LEU A 31 25.23 -15.71 -2.63
C LEU A 31 23.78 -15.45 -3.06
N VAL A 32 22.88 -15.33 -2.09
CA VAL A 32 21.46 -15.16 -2.34
C VAL A 32 20.88 -13.87 -1.82
N HIS A 33 20.11 -13.19 -2.65
CA HIS A 33 19.38 -12.03 -2.22
C HIS A 33 17.93 -12.41 -2.32
N TRP A 34 17.17 -12.17 -1.28
CA TRP A 34 15.78 -12.52 -1.29
C TRP A 34 14.87 -11.30 -1.36
N PHE A 35 14.18 -11.16 -2.49
CA PHE A 35 13.23 -10.10 -2.76
C PHE A 35 11.89 -10.46 -2.15
N ARG A 36 11.36 -9.60 -1.31
CA ARG A 36 10.00 -9.75 -0.82
C ARG A 36 9.28 -8.47 -1.16
N LYS A 37 9.81 -7.39 -0.66
CA LYS A 37 9.42 -6.03 -0.98
C LYS A 37 10.73 -5.61 -1.59
N GLY A 38 10.91 -4.32 -1.83
CA GLY A 38 12.13 -3.85 -2.43
C GLY A 38 12.39 -4.45 -3.78
N LEU A 39 11.34 -4.51 -4.59
CA LEU A 39 11.43 -5.10 -5.91
C LEU A 39 11.99 -4.11 -6.88
N ARG A 40 13.27 -3.80 -6.66
CA ARG A 40 13.99 -2.82 -7.45
C ARG A 40 15.51 -3.13 -7.43
N LEU A 41 16.24 -2.61 -8.40
CA LEU A 41 17.69 -2.64 -8.37
C LEU A 41 18.30 -1.40 -7.69
N HIS A 42 17.73 -0.23 -7.95
CA HIS A 42 18.26 1.00 -7.40
C HIS A 42 18.09 1.05 -5.88
N ASP A 43 19.01 1.76 -5.21
CA ASP A 43 18.99 1.93 -3.77
C ASP A 43 18.59 0.68 -3.01
N ASN A 44 19.38 -0.36 -3.21
CA ASN A 44 19.08 -1.65 -2.62
C ASN A 44 20.39 -2.23 -2.06
N PRO A 45 20.73 -1.85 -0.82
CA PRO A 45 21.96 -2.27 -0.17
C PRO A 45 22.09 -3.78 -0.06
N ALA A 46 21.03 -4.44 0.38
CA ALA A 46 21.06 -5.89 0.51
C ALA A 46 21.47 -6.51 -0.83
N LEU A 47 20.95 -5.96 -1.92
CA LEU A 47 21.25 -6.48 -3.26
C LEU A 47 22.65 -6.07 -3.72
N SER A 48 22.99 -4.80 -3.51
CA SER A 48 24.29 -4.31 -3.95
C SER A 48 25.42 -5.06 -3.27
N HIS A 49 25.23 -5.37 -1.99
CA HIS A 49 26.26 -6.09 -1.23
C HIS A 49 26.54 -7.44 -1.89
N ILE A 50 25.49 -8.12 -2.30
CA ILE A 50 25.66 -9.39 -2.98
C ILE A 50 26.46 -9.28 -4.27
N PHE A 51 26.13 -8.30 -5.11
CA PHE A 51 26.82 -8.14 -6.39
C PHE A 51 28.26 -7.70 -6.21
N THR A 52 28.50 -6.81 -5.24
CA THR A 52 29.86 -6.36 -4.92
C THR A 52 30.72 -7.51 -4.40
N ALA A 53 30.13 -8.33 -3.55
CA ALA A 53 30.82 -9.48 -3.01
C ALA A 53 31.26 -10.44 -4.14
N ALA A 54 30.38 -10.70 -5.10
CA ALA A 54 30.69 -11.62 -6.20
C ALA A 54 31.83 -11.09 -7.05
N ASN A 55 31.76 -9.83 -7.40
CA ASN A 55 32.80 -9.21 -8.20
C ASN A 55 34.16 -9.08 -7.48
N ALA A 56 34.12 -8.94 -6.16
CA ALA A 56 35.33 -8.89 -5.36
C ALA A 56 36.08 -10.23 -5.43
N ALA A 57 35.34 -11.34 -5.45
CA ALA A 57 35.93 -12.67 -5.42
C ALA A 57 35.53 -13.45 -6.69
N PRO A 58 36.16 -13.12 -7.82
CA PRO A 58 35.80 -13.66 -9.12
C PRO A 58 36.04 -15.15 -9.23
N GLY A 59 35.06 -15.86 -9.76
CA GLY A 59 35.20 -17.30 -9.90
C GLY A 59 34.89 -18.02 -8.61
N ARG A 60 34.76 -17.27 -7.54
CA ARG A 60 34.32 -17.80 -6.25
C ARG A 60 32.85 -18.16 -6.06
N TYR A 61 31.96 -17.35 -6.60
CA TYR A 61 30.54 -17.47 -6.34
C TYR A 61 29.58 -17.50 -7.49
N PHE A 62 28.38 -17.95 -7.15
CA PHE A 62 27.24 -17.93 -8.01
C PHE A 62 26.26 -17.01 -7.31
N VAL A 63 25.44 -16.29 -8.06
CA VAL A 63 24.49 -15.33 -7.50
C VAL A 63 23.05 -15.67 -7.88
N ARG A 64 22.21 -15.84 -6.87
CA ARG A 64 20.80 -16.19 -7.08
C ARG A 64 19.88 -15.14 -6.46
N PRO A 65 19.39 -14.21 -7.26
CA PRO A 65 18.40 -13.26 -6.78
C PRO A 65 17.06 -13.96 -6.90
N ILE A 66 16.33 -14.06 -5.81
CA ILE A 66 15.12 -14.84 -5.82
C ILE A 66 13.88 -14.21 -5.23
N PHE A 67 12.75 -14.69 -5.72
CA PHE A 67 11.48 -14.32 -5.20
C PHE A 67 10.76 -15.60 -4.92
N ILE A 68 10.20 -15.74 -3.73
CA ILE A 68 9.52 -16.98 -3.36
C ILE A 68 8.01 -16.82 -3.53
N LEU A 69 7.44 -17.65 -4.40
CA LEU A 69 6.04 -17.56 -4.74
C LEU A 69 5.28 -18.78 -4.24
N ASP A 70 4.47 -18.59 -3.22
CA ASP A 70 3.55 -19.65 -2.75
C ASP A 70 2.36 -19.82 -3.74
N PRO A 71 2.37 -20.93 -4.50
CA PRO A 71 1.35 -21.13 -5.56
C PRO A 71 -0.06 -21.41 -5.02
N GLY A 72 -0.16 -21.63 -3.71
CA GLY A 72 -1.45 -21.87 -3.07
C GLY A 72 -2.24 -20.60 -2.83
N ILE A 73 -1.54 -19.48 -2.68
CA ILE A 73 -2.16 -18.20 -2.31
C ILE A 73 -2.94 -17.56 -3.47
N LEU A 74 -2.78 -18.08 -4.68
CA LEU A 74 -3.36 -17.44 -5.88
C LEU A 74 -4.89 -17.27 -5.83
N ASP A 75 -5.55 -18.15 -5.05
CA ASP A 75 -7.01 -18.08 -4.86
C ASP A 75 -7.44 -17.33 -3.60
N TRP A 76 -6.50 -16.95 -2.75
CA TRP A 76 -6.84 -16.16 -1.59
C TRP A 76 -7.61 -14.92 -2.09
N MET A 77 -8.80 -14.68 -1.56
CA MET A 77 -9.62 -13.61 -2.11
C MET A 77 -9.26 -12.23 -1.57
N GLN A 78 -8.32 -12.19 -0.65
CA GLN A 78 -7.80 -10.92 -0.15
C GLN A 78 -6.79 -10.27 -1.07
N VAL A 79 -6.53 -10.89 -2.21
CA VAL A 79 -5.71 -10.30 -3.25
C VAL A 79 -6.54 -10.26 -4.54
N GLY A 80 -6.83 -9.05 -4.98
CA GLY A 80 -7.58 -8.83 -6.18
C GLY A 80 -6.75 -9.05 -7.42
N ALA A 81 -7.44 -9.26 -8.53
CA ALA A 81 -6.81 -9.57 -9.80
C ALA A 81 -5.86 -8.47 -10.22
N ASN A 82 -6.29 -7.24 -10.01
CA ASN A 82 -5.47 -6.09 -10.41
C ASN A 82 -4.13 -6.08 -9.68
N ARG A 83 -4.12 -6.37 -8.39
CA ARG A 83 -2.86 -6.44 -7.71
C ARG A 83 -1.98 -7.60 -8.20
N TRP A 84 -2.56 -8.75 -8.53
CA TRP A 84 -1.81 -9.88 -9.09
C TRP A 84 -1.13 -9.46 -10.38
N ARG A 85 -1.85 -8.75 -11.22
CA ARG A 85 -1.31 -8.26 -12.47
C ARG A 85 -0.13 -7.32 -12.21
N PHE A 86 -0.29 -6.45 -11.21
CA PHE A 86 0.76 -5.51 -10.87
C PHE A 86 2.04 -6.25 -10.45
N LEU A 87 1.87 -7.28 -9.64
CA LEU A 87 3.00 -8.11 -9.24
C LEU A 87 3.63 -8.87 -10.41
N GLN A 88 2.78 -9.41 -11.30
CA GLN A 88 3.26 -10.10 -12.46
C GLN A 88 4.16 -9.20 -13.27
N GLN A 89 3.72 -7.99 -13.49
CA GLN A 89 4.47 -7.04 -14.29
C GLN A 89 5.75 -6.62 -13.60
N THR A 90 5.67 -6.47 -12.28
CA THR A 90 6.83 -6.10 -11.49
C THR A 90 7.91 -7.16 -11.61
N LEU A 91 7.51 -8.42 -11.45
CA LEU A 91 8.48 -9.53 -11.50
C LEU A 91 9.18 -9.59 -12.85
N GLU A 92 8.42 -9.39 -13.92
CA GLU A 92 8.99 -9.37 -15.28
C GLU A 92 9.99 -8.21 -15.45
N ASP A 93 9.64 -7.04 -14.94
CA ASP A 93 10.55 -5.88 -15.05
C ASP A 93 11.82 -6.12 -14.24
N LEU A 94 11.67 -6.68 -13.05
CA LEU A 94 12.80 -6.99 -12.20
C LEU A 94 13.74 -7.99 -12.85
N ASP A 95 13.19 -9.02 -13.50
CA ASP A 95 13.98 -9.98 -14.26
C ASP A 95 14.72 -9.31 -15.44
N ASN A 96 14.03 -8.39 -16.14
CA ASN A 96 14.67 -7.66 -17.24
C ASN A 96 15.84 -6.81 -16.80
N GLN A 97 15.68 -6.13 -15.68
CA GLN A 97 16.75 -5.31 -15.15
C GLN A 97 17.93 -6.16 -14.66
N LEU A 98 17.65 -7.28 -14.00
CA LEU A 98 18.68 -8.19 -13.55
C LEU A 98 19.43 -8.78 -14.75
N ARG A 99 18.74 -9.00 -15.86
CA ARG A 99 19.34 -9.50 -17.07
C ARG A 99 20.47 -8.61 -17.56
N LYS A 100 20.30 -7.31 -17.42
CA LYS A 100 21.30 -6.33 -17.84
C LYS A 100 22.56 -6.35 -16.98
N LEU A 101 22.47 -6.92 -15.77
CA LEU A 101 23.64 -7.08 -14.92
C LEU A 101 24.27 -8.47 -15.08
N ASN A 102 23.95 -9.14 -16.19
CA ASN A 102 24.39 -10.51 -16.43
C ASN A 102 23.80 -11.53 -15.44
N SER A 103 22.66 -11.18 -14.84
CA SER A 103 21.97 -12.09 -13.93
C SER A 103 20.52 -12.35 -14.42
N ARG A 104 19.64 -12.63 -13.46
CA ARG A 104 18.24 -12.90 -13.72
C ARG A 104 17.52 -13.11 -12.42
N LEU A 105 16.19 -13.12 -12.49
CA LEU A 105 15.39 -13.41 -11.34
C LEU A 105 15.10 -14.89 -11.31
N PHE A 106 15.15 -15.48 -10.11
CA PHE A 106 14.70 -16.85 -9.94
C PHE A 106 13.45 -16.79 -9.07
N VAL A 107 12.30 -17.09 -9.69
CA VAL A 107 11.05 -17.17 -8.97
C VAL A 107 10.82 -18.61 -8.53
N VAL A 108 11.13 -18.87 -7.27
CA VAL A 108 11.07 -20.19 -6.70
C VAL A 108 9.69 -20.40 -6.10
N ARG A 109 8.98 -21.40 -6.60
CA ARG A 109 7.65 -21.73 -6.08
C ARG A 109 7.78 -22.52 -4.79
N GLY A 110 7.04 -22.11 -3.77
CA GLY A 110 6.97 -22.86 -2.52
C GLY A 110 6.82 -21.94 -1.33
N LYS A 111 7.05 -22.48 -0.14
CA LYS A 111 7.03 -21.71 1.09
C LYS A 111 8.42 -21.68 1.71
N PRO A 112 8.81 -20.54 2.27
CA PRO A 112 10.15 -20.39 2.80
C PRO A 112 10.60 -21.55 3.66
N ALA A 113 9.66 -22.14 4.41
CA ALA A 113 9.95 -23.23 5.36
C ALA A 113 10.57 -24.44 4.69
N GLU A 114 10.11 -24.77 3.49
CA GLU A 114 10.63 -25.89 2.71
C GLU A 114 11.67 -25.49 1.67
N VAL A 115 11.55 -24.28 1.14
CA VAL A 115 12.44 -23.83 0.10
C VAL A 115 13.86 -23.66 0.61
N PHE A 116 14.03 -22.93 1.71
CA PHE A 116 15.37 -22.61 2.19
C PHE A 116 16.21 -23.82 2.63
N PRO A 117 15.63 -24.74 3.41
CA PRO A 117 16.42 -25.91 3.74
C PRO A 117 16.92 -26.62 2.49
N ARG A 118 16.08 -26.69 1.47
CA ARG A 118 16.43 -27.35 0.22
C ARG A 118 17.53 -26.58 -0.53
N ILE A 119 17.34 -25.28 -0.73
CA ILE A 119 18.30 -24.51 -1.57
C ILE A 119 19.56 -24.13 -0.82
N PHE A 120 19.50 -24.02 0.49
CA PHE A 120 20.70 -23.80 1.25
C PHE A 120 21.71 -24.90 0.96
N LYS A 121 21.22 -26.13 0.98
CA LYS A 121 22.02 -27.30 0.68
C LYS A 121 22.32 -27.45 -0.78
N SER A 122 21.30 -27.31 -1.62
CA SER A 122 21.41 -27.50 -3.06
C SER A 122 22.38 -26.53 -3.70
N TRP A 123 22.24 -25.27 -3.34
CA TRP A 123 23.03 -24.21 -3.96
C TRP A 123 24.32 -23.95 -3.20
N ARG A 124 24.49 -24.60 -2.06
CA ARG A 124 25.62 -24.32 -1.17
C ARG A 124 25.71 -22.83 -0.87
N VAL A 125 24.66 -22.31 -0.24
CA VAL A 125 24.57 -20.87 0.02
C VAL A 125 25.55 -20.49 1.11
N GLU A 126 26.34 -19.46 0.87
CA GLU A 126 27.23 -18.91 1.89
C GLU A 126 26.60 -17.69 2.60
N MET A 127 25.93 -16.85 1.83
CA MET A 127 25.27 -15.66 2.38
C MET A 127 23.87 -15.42 1.83
N LEU A 128 23.05 -14.82 2.68
CA LEU A 128 21.67 -14.57 2.40
C LEU A 128 21.37 -13.15 2.84
N THR A 129 20.88 -12.33 1.93
CA THR A 129 20.49 -10.96 2.28
C THR A 129 19.05 -10.65 1.89
N PHE A 130 18.45 -9.72 2.60
CA PHE A 130 17.10 -9.24 2.26
C PHE A 130 16.78 -7.94 2.98
N GLU A 131 15.71 -7.29 2.54
CA GLU A 131 15.27 -6.07 3.13
C GLU A 131 14.28 -6.40 4.25
N THR A 132 14.45 -5.77 5.41
CA THR A 132 13.66 -6.09 6.60
C THR A 132 12.23 -5.56 6.46
N ASP A 133 11.30 -6.18 7.20
CA ASP A 133 9.91 -5.80 7.19
C ASP A 133 9.31 -5.90 8.61
N ILE A 134 8.45 -4.96 8.96
CA ILE A 134 7.95 -4.83 10.32
C ILE A 134 6.60 -5.51 10.54
N GLU A 135 6.00 -6.02 9.47
CA GLU A 135 4.72 -6.71 9.58
C GLU A 135 4.91 -7.99 10.39
N PRO A 136 3.94 -8.30 11.27
CA PRO A 136 4.04 -9.41 12.22
C PRO A 136 4.43 -10.73 11.56
N TYR A 137 3.64 -11.12 10.58
CA TYR A 137 3.88 -12.35 9.82
C TYR A 137 5.29 -12.40 9.30
N SER A 138 5.72 -11.28 8.74
CA SER A 138 7.06 -11.15 8.23
C SER A 138 8.15 -11.26 9.31
N VAL A 139 7.87 -10.71 10.48
CA VAL A 139 8.80 -10.77 11.60
C VAL A 139 9.04 -12.23 12.02
N THR A 140 7.97 -13.02 12.10
CA THR A 140 8.09 -14.42 12.55
C THR A 140 8.70 -15.31 11.45
N ARG A 141 8.27 -15.08 10.21
CA ARG A 141 8.86 -15.78 9.06
C ARG A 141 10.38 -15.56 8.97
N ASP A 142 10.78 -14.30 9.04
CA ASP A 142 12.19 -13.97 8.94
C ASP A 142 12.98 -14.54 10.10
N ALA A 143 12.39 -14.57 11.29
CA ALA A 143 13.04 -15.09 12.48
C ALA A 143 13.33 -16.60 12.29
N ALA A 144 12.39 -17.31 11.69
CA ALA A 144 12.58 -18.72 11.37
C ALA A 144 13.77 -18.90 10.40
N VAL A 145 13.80 -18.08 9.36
CA VAL A 145 14.87 -18.15 8.36
C VAL A 145 16.23 -17.86 8.99
N GLN A 146 16.28 -16.87 9.86
CA GLN A 146 17.51 -16.51 10.57
C GLN A 146 18.01 -17.71 11.40
N LYS A 147 17.07 -18.40 12.05
CA LYS A 147 17.36 -19.54 12.90
C LYS A 147 17.91 -20.68 12.06
N LEU A 148 17.25 -20.96 10.95
CA LEU A 148 17.76 -21.96 10.01
C LEU A 148 19.17 -21.62 9.53
N ALA A 149 19.34 -20.40 9.05
CA ALA A 149 20.62 -19.94 8.53
C ALA A 149 21.76 -20.12 9.56
N LYS A 150 21.50 -19.66 10.78
CA LYS A 150 22.46 -19.78 11.89
C LYS A 150 22.96 -21.22 12.10
N ALA A 151 22.01 -22.14 12.19
CA ALA A 151 22.28 -23.54 12.44
C ALA A 151 22.94 -24.19 11.20
N GLU A 152 22.73 -23.60 10.03
CA GLU A 152 23.19 -24.21 8.80
C GLU A 152 24.51 -23.61 8.33
N GLY A 153 25.01 -22.62 9.07
CA GLY A 153 26.24 -21.96 8.68
C GLY A 153 26.13 -20.89 7.60
N VAL A 154 24.93 -20.35 7.37
CA VAL A 154 24.82 -19.28 6.35
C VAL A 154 24.71 -17.89 6.97
N ARG A 155 25.61 -17.01 6.55
CA ARG A 155 25.62 -15.64 6.99
C ARG A 155 24.41 -14.89 6.43
N VAL A 156 23.82 -14.03 7.26
CA VAL A 156 22.65 -13.24 6.90
C VAL A 156 22.87 -11.77 7.17
N GLU A 157 22.72 -10.96 6.13
CA GLU A 157 22.81 -9.52 6.22
C GLU A 157 21.43 -8.98 5.92
N THR A 158 20.90 -8.16 6.82
CA THR A 158 19.58 -7.56 6.60
C THR A 158 19.73 -6.05 6.53
N HIS A 159 18.86 -5.40 5.79
CA HIS A 159 18.92 -3.96 5.67
C HIS A 159 17.55 -3.36 5.79
N CYS A 160 17.46 -2.22 6.43
CA CYS A 160 16.19 -1.52 6.56
C CYS A 160 16.09 -0.40 5.53
N SER A 161 15.81 -0.75 4.28
CA SER A 161 15.77 0.25 3.20
C SER A 161 14.35 0.50 2.64
N HIS A 162 13.35 -0.13 3.24
CA HIS A 162 11.99 0.05 2.84
C HIS A 162 11.46 1.40 3.28
N THR A 163 12.01 1.89 4.38
CA THR A 163 11.66 3.18 4.94
C THR A 163 12.90 4.04 5.14
N ILE A 164 12.69 5.35 5.09
CA ILE A 164 13.76 6.33 5.24
C ILE A 164 14.40 6.21 6.62
N TYR A 165 13.56 6.09 7.64
CA TYR A 165 14.03 5.97 8.99
C TYR A 165 13.69 4.59 9.55
N ASN A 166 14.60 4.01 10.31
CA ASN A 166 14.38 2.71 10.92
C ASN A 166 13.49 2.83 12.17
N PRO A 167 12.27 2.29 12.10
CA PRO A 167 11.31 2.35 13.21
C PRO A 167 11.96 2.05 14.55
N GLU A 168 12.84 1.04 14.58
CA GLU A 168 13.58 0.68 15.79
C GLU A 168 14.37 1.84 16.38
N LEU A 169 15.13 2.51 15.52
CA LEU A 169 15.93 3.66 15.92
C LEU A 169 15.06 4.84 16.35
N VAL A 170 13.93 5.02 15.70
CA VAL A 170 13.00 6.10 16.09
C VAL A 170 12.42 5.84 17.46
N ILE A 171 11.98 4.62 17.70
CA ILE A 171 11.40 4.25 19.00
C ILE A 171 12.48 4.37 20.11
N ALA A 172 13.70 3.93 19.80
CA ALA A 172 14.80 3.96 20.76
C ALA A 172 15.17 5.41 21.10
N LYS A 173 15.18 6.25 20.07
CA LYS A 173 15.44 7.66 20.24
C LYS A 173 14.40 8.34 21.11
N ASN A 174 13.17 7.85 21.05
CA ASN A 174 12.07 8.38 21.84
C ASN A 174 11.88 7.58 23.12
N LEU A 175 12.98 7.08 23.64
CA LEU A 175 13.02 6.33 24.93
C LEU A 175 12.11 5.10 24.99
N GLY A 176 12.08 4.32 23.91
CA GLY A 176 11.32 3.07 23.92
C GLY A 176 9.85 3.13 23.58
N LYS A 177 9.38 4.31 23.17
CA LYS A 177 7.98 4.53 22.78
C LYS A 177 7.86 5.06 21.34
N ALA A 178 6.93 4.51 20.57
CA ALA A 178 6.67 5.07 19.26
C ALA A 178 5.90 6.35 19.45
N PRO A 179 6.33 7.43 18.81
CA PRO A 179 5.61 8.68 18.94
C PRO A 179 4.23 8.53 18.36
N ILE A 180 3.23 9.02 19.05
CA ILE A 180 1.86 8.92 18.60
C ILE A 180 1.32 10.21 18.00
N THR A 181 2.15 11.24 17.92
CA THR A 181 1.76 12.46 17.25
C THR A 181 2.78 12.78 16.17
N TYR A 182 2.29 13.31 15.07
CA TYR A 182 3.11 13.62 13.90
C TYR A 182 4.28 14.55 14.19
N GLN A 183 3.99 15.68 14.84
CA GLN A 183 5.03 16.69 15.16
C GLN A 183 6.14 16.16 16.08
N LYS A 184 5.77 15.33 17.03
CA LYS A 184 6.76 14.68 17.89
C LYS A 184 7.62 13.71 17.09
N PHE A 185 6.97 12.94 16.22
CA PHE A 185 7.67 12.01 15.34
C PHE A 185 8.69 12.77 14.48
N LEU A 186 8.27 13.89 13.91
CA LEU A 186 9.17 14.71 13.12
C LEU A 186 10.31 15.19 13.99
N GLY A 187 10.00 15.55 15.23
CA GLY A 187 11.02 16.04 16.15
C GLY A 187 12.08 15.00 16.42
N ILE A 188 11.67 13.75 16.52
CA ILE A 188 12.60 12.65 16.66
C ILE A 188 13.44 12.40 15.41
N VAL A 189 12.80 12.28 14.26
CA VAL A 189 13.55 11.85 13.04
C VAL A 189 14.55 12.89 12.51
N GLU A 190 14.34 14.15 12.82
CA GLU A 190 15.30 15.16 12.39
C GLU A 190 16.59 15.05 13.21
N GLN A 191 16.56 14.21 14.23
CA GLN A 191 17.76 13.94 15.02
C GLN A 191 18.49 12.72 14.51
N LEU A 192 17.90 12.03 13.53
CA LEU A 192 18.45 10.79 13.04
C LEU A 192 19.14 11.01 11.72
N LYS A 193 20.07 10.13 11.41
CA LYS A 193 20.79 10.23 10.16
C LYS A 193 20.06 9.57 9.02
N VAL A 194 20.15 10.17 7.84
CA VAL A 194 19.55 9.62 6.64
C VAL A 194 20.62 8.88 5.87
N PRO A 195 20.39 7.61 5.58
CA PRO A 195 21.40 6.77 4.95
C PRO A 195 21.67 7.18 3.50
N LYS A 196 22.87 6.88 3.02
CA LYS A 196 23.22 7.21 1.64
C LYS A 196 22.41 6.37 0.67
N VAL A 197 21.98 7.01 -0.41
CA VAL A 197 21.10 6.39 -1.36
C VAL A 197 21.96 5.81 -2.45
N LEU A 198 21.83 4.50 -2.66
CA LEU A 198 22.70 3.81 -3.64
C LEU A 198 22.18 3.89 -5.06
N GLY A 199 23.09 3.68 -6.00
CA GLY A 199 22.75 3.54 -7.39
C GLY A 199 22.40 2.08 -7.65
N VAL A 200 22.26 1.74 -8.92
CA VAL A 200 22.06 0.35 -9.33
C VAL A 200 23.35 -0.43 -9.15
N PRO A 201 23.23 -1.72 -8.84
CA PRO A 201 24.42 -2.55 -8.64
C PRO A 201 25.30 -2.68 -9.89
N GLU A 202 26.52 -3.11 -9.65
CA GLU A 202 27.50 -3.33 -10.72
C GLU A 202 27.22 -4.62 -11.51
N LYS A 203 27.56 -4.59 -12.78
CA LYS A 203 27.41 -5.74 -13.67
C LYS A 203 28.26 -6.87 -13.16
N LEU A 204 27.72 -8.08 -13.11
CA LEU A 204 28.51 -9.23 -12.66
C LEU A 204 29.54 -9.57 -13.73
N LYS A 205 30.78 -9.81 -13.31
CA LYS A 205 31.87 -10.14 -14.23
C LYS A 205 32.18 -11.61 -14.10
N ASN A 206 32.41 -12.25 -15.23
CA ASN A 206 32.78 -13.67 -15.26
C ASN A 206 31.82 -14.56 -14.48
N MET A 207 30.52 -14.30 -14.62
CA MET A 207 29.51 -15.09 -13.94
C MET A 207 28.75 -15.92 -14.92
N PRO A 208 29.14 -17.18 -15.06
CA PRO A 208 28.37 -18.08 -15.88
C PRO A 208 27.10 -18.39 -15.14
N THR A 209 26.11 -18.90 -15.84
CA THR A 209 24.86 -19.29 -15.19
C THR A 209 25.18 -20.44 -14.24
N PRO A 210 24.55 -20.46 -13.06
CA PRO A 210 24.74 -21.55 -12.11
C PRO A 210 24.28 -22.87 -12.69
N PRO A 211 24.83 -23.94 -12.17
CA PRO A 211 24.42 -25.28 -12.55
C PRO A 211 22.99 -25.51 -12.09
N LYS A 212 22.25 -26.28 -12.86
CA LYS A 212 20.88 -26.57 -12.52
C LYS A 212 20.78 -27.43 -11.29
N ASP A 213 19.83 -27.11 -10.45
CA ASP A 213 19.54 -27.87 -9.27
C ASP A 213 18.57 -28.96 -9.69
N GLU A 214 18.20 -29.81 -8.76
CA GLU A 214 17.37 -30.97 -9.08
C GLU A 214 16.03 -30.55 -9.68
N VAL A 215 15.49 -29.43 -9.19
CA VAL A 215 14.22 -28.90 -9.71
C VAL A 215 14.34 -28.37 -11.15
N GLU A 216 15.44 -27.69 -11.44
CA GLU A 216 15.68 -27.17 -12.80
C GLU A 216 15.96 -28.28 -13.81
N GLN A 217 16.64 -29.34 -13.36
CA GLN A 217 16.97 -30.47 -14.21
C GLN A 217 15.72 -31.14 -14.75
N LYS A 218 14.65 -31.18 -13.94
CA LYS A 218 13.34 -31.69 -14.36
C LYS A 218 12.59 -30.72 -15.28
N ASP A 219 12.54 -29.45 -14.87
CA ASP A 219 11.87 -28.39 -15.63
C ASP A 219 12.77 -27.14 -15.75
N SER A 220 13.36 -26.95 -16.91
CA SER A 220 14.31 -25.84 -17.10
C SER A 220 13.70 -24.46 -16.81
N ALA A 221 12.40 -24.36 -16.97
CA ALA A 221 11.68 -23.13 -16.76
C ALA A 221 11.03 -23.08 -15.37
N ALA A 222 11.54 -23.87 -14.43
CA ALA A 222 10.95 -23.95 -13.09
C ALA A 222 11.02 -22.62 -12.33
N TYR A 223 12.04 -21.81 -12.58
CA TYR A 223 12.19 -20.56 -11.86
C TYR A 223 11.91 -19.30 -12.71
N ASP A 224 11.22 -19.49 -13.83
CA ASP A 224 10.89 -18.39 -14.70
C ASP A 224 9.79 -17.54 -14.11
N CYS A 225 9.72 -16.28 -14.53
CA CYS A 225 8.65 -15.37 -14.13
C CYS A 225 7.27 -15.93 -14.47
N PRO A 226 6.35 -15.79 -13.53
CA PRO A 226 5.02 -16.27 -13.75
C PRO A 226 4.35 -15.49 -14.85
N THR A 227 3.55 -16.21 -15.58
CA THR A 227 2.72 -15.69 -16.65
C THR A 227 1.50 -15.02 -16.02
N MET A 228 0.81 -14.19 -16.79
CA MET A 228 -0.47 -13.67 -16.37
C MET A 228 -1.45 -14.78 -16.10
N LYS A 229 -1.49 -15.76 -17.01
CA LYS A 229 -2.37 -16.91 -16.83
C LYS A 229 -2.08 -17.66 -15.54
N GLN A 230 -0.81 -17.71 -15.17
CA GLN A 230 -0.40 -18.29 -13.92
C GLN A 230 -0.75 -17.54 -12.64
N LEU A 231 -0.61 -16.21 -12.64
CA LEU A 231 -0.81 -15.42 -11.42
C LEU A 231 -2.22 -14.95 -11.28
N VAL A 232 -2.91 -14.75 -12.40
CA VAL A 232 -4.28 -14.21 -12.41
C VAL A 232 -5.35 -15.26 -12.73
N LYS A 233 -6.05 -15.70 -11.70
CA LYS A 233 -7.09 -16.73 -11.85
C LYS A 233 -8.42 -16.16 -12.36
N ARG A 234 -8.73 -14.91 -12.01
CA ARG A 234 -9.99 -14.32 -12.40
C ARG A 234 -9.74 -13.05 -13.23
N PRO A 235 -9.39 -13.22 -14.50
CA PRO A 235 -9.03 -12.14 -15.39
C PRO A 235 -10.19 -11.20 -15.67
N GLU A 236 -11.39 -11.66 -15.35
CA GLU A 236 -12.58 -10.85 -15.55
C GLU A 236 -12.68 -9.71 -14.53
N GLU A 237 -11.92 -9.83 -13.44
CA GLU A 237 -11.82 -8.77 -12.43
C GLU A 237 -10.80 -7.71 -12.84
N LEU A 238 -10.04 -7.99 -13.87
CA LEU A 238 -9.05 -7.05 -14.34
C LEU A 238 -9.73 -5.84 -14.95
N GLY A 239 -9.27 -4.66 -14.56
CA GLY A 239 -9.73 -3.44 -15.23
C GLY A 239 -8.66 -2.85 -16.09
N PRO A 240 -8.82 -1.59 -16.47
CA PRO A 240 -7.84 -0.89 -17.32
C PRO A 240 -6.46 -0.91 -16.68
N ASN A 241 -5.42 -1.20 -17.44
CA ASN A 241 -4.06 -1.27 -16.94
C ASN A 241 -3.45 0.11 -16.83
N LYS A 242 -4.02 0.93 -15.93
CA LYS A 242 -3.63 2.33 -15.81
C LYS A 242 -2.27 2.52 -15.16
N PHE A 243 -1.90 1.62 -14.26
CA PHE A 243 -0.65 1.72 -13.51
C PHE A 243 0.18 0.44 -13.60
N PRO A 244 0.96 0.28 -14.67
CA PRO A 244 1.81 -0.90 -14.87
C PRO A 244 2.82 -1.06 -13.74
N GLY A 245 3.12 -2.31 -13.40
CA GLY A 245 4.05 -2.62 -12.33
C GLY A 245 5.51 -2.50 -12.72
N GLY A 246 6.38 -2.43 -11.72
CA GLY A 246 7.80 -2.46 -11.92
C GLY A 246 8.55 -1.16 -11.68
N GLU A 247 9.82 -1.34 -11.33
CA GLU A 247 10.75 -0.26 -11.03
C GLU A 247 10.91 0.72 -12.20
N THR A 248 10.94 0.20 -13.41
CA THR A 248 11.08 1.08 -14.59
C THR A 248 9.96 2.11 -14.66
N GLU A 249 8.73 1.65 -14.61
CA GLU A 249 7.58 2.55 -14.59
C GLU A 249 7.60 3.44 -13.34
N ALA A 250 8.08 2.89 -12.24
CA ALA A 250 8.18 3.64 -10.98
C ALA A 250 9.03 4.89 -11.18
N LEU A 251 10.21 4.70 -11.74
CA LEU A 251 11.14 5.79 -11.97
C LEU A 251 10.62 6.77 -13.04
N ARG A 252 10.05 6.25 -14.11
CA ARG A 252 9.49 7.09 -15.15
C ARG A 252 8.35 7.94 -14.58
N ARG A 253 7.52 7.33 -13.76
CA ARG A 253 6.41 8.05 -13.19
C ARG A 253 6.88 9.12 -12.18
N MET A 254 7.85 8.78 -11.36
CA MET A 254 8.43 9.75 -10.45
C MET A 254 8.99 10.95 -11.21
N GLU A 255 9.82 10.68 -12.21
CA GLU A 255 10.45 11.72 -12.99
C GLU A 255 9.41 12.64 -13.59
N GLU A 256 8.32 12.09 -14.09
CA GLU A 256 7.26 12.92 -14.66
C GLU A 256 6.58 13.80 -13.61
N SER A 257 6.41 13.26 -12.41
CA SER A 257 5.81 14.00 -11.31
C SER A 257 6.71 15.17 -10.83
N LEU A 258 8.02 14.97 -10.86
CA LEU A 258 8.94 15.97 -10.35
C LEU A 258 9.32 16.96 -11.44
N LYS A 259 8.78 16.79 -12.63
CA LYS A 259 9.09 17.66 -13.76
C LYS A 259 8.70 19.11 -13.45
N ASP A 260 7.48 19.31 -12.97
CA ASP A 260 6.97 20.62 -12.60
C ASP A 260 7.33 20.96 -11.15
N GLU A 261 8.49 21.59 -10.97
CA GLU A 261 9.00 21.84 -9.64
C GLU A 261 8.15 22.82 -8.84
N ILE A 262 7.40 23.68 -9.52
CA ILE A 262 6.50 24.59 -8.82
C ILE A 262 5.38 23.77 -8.15
N TRP A 263 4.71 22.93 -8.93
CA TRP A 263 3.62 22.10 -8.42
C TRP A 263 4.13 21.27 -7.23
N VAL A 264 5.32 20.73 -7.37
CA VAL A 264 5.91 19.89 -6.33
C VAL A 264 6.15 20.70 -5.07
N ALA A 265 6.74 21.88 -5.22
CA ALA A 265 7.11 22.68 -4.05
C ALA A 265 5.91 23.19 -3.29
N ARG A 266 4.84 23.56 -4.01
CA ARG A 266 3.65 24.13 -3.39
C ARG A 266 2.56 23.11 -3.09
N PHE A 267 2.89 21.84 -3.21
CA PHE A 267 1.92 20.79 -2.98
C PHE A 267 1.31 20.88 -1.57
N GLU A 268 0.00 20.88 -1.52
CA GLU A 268 -0.72 20.81 -0.26
C GLU A 268 -1.76 19.75 -0.47
N LYS A 269 -1.70 18.70 0.31
CA LYS A 269 -2.57 17.55 0.13
C LYS A 269 -4.06 17.84 0.20
N PRO A 270 -4.47 18.67 1.15
CA PRO A 270 -5.88 19.02 1.34
C PRO A 270 -6.50 19.72 0.16
N ASN A 271 -5.69 20.41 -0.63
CA ASN A 271 -6.15 21.09 -1.82
C ASN A 271 -6.25 20.24 -3.09
N THR A 272 -5.79 19.00 -3.04
CA THR A 272 -5.88 18.10 -4.19
C THR A 272 -7.26 17.42 -4.28
N ALA A 273 -7.79 17.31 -5.47
CA ALA A 273 -9.10 16.71 -5.68
C ALA A 273 -9.26 15.18 -5.58
N PRO A 274 -10.28 14.76 -4.86
CA PRO A 274 -10.67 13.37 -4.76
C PRO A 274 -11.26 12.83 -6.06
N ASN A 275 -12.00 13.68 -6.76
CA ASN A 275 -12.73 13.27 -7.94
C ASN A 275 -12.32 13.75 -9.32
N SER A 276 -11.11 14.22 -9.46
CA SER A 276 -10.62 14.64 -10.78
C SER A 276 -10.53 13.34 -11.58
N LEU A 277 -10.68 13.43 -12.89
CA LEU A 277 -10.74 12.22 -13.72
C LEU A 277 -9.32 11.63 -13.80
N GLU A 278 -8.35 12.51 -13.88
CA GLU A 278 -6.96 12.11 -13.77
C GLU A 278 -6.48 12.39 -12.36
N PRO A 279 -5.55 11.56 -11.84
CA PRO A 279 -5.03 11.69 -10.48
C PRO A 279 -4.51 13.09 -10.18
N SER A 280 -4.89 13.63 -9.04
CA SER A 280 -4.44 14.95 -8.63
C SER A 280 -3.13 14.86 -7.88
N THR A 281 -2.75 13.64 -7.47
CA THR A 281 -1.50 13.41 -6.76
C THR A 281 -0.56 12.55 -7.60
N THR A 282 0.48 11.99 -7.00
CA THR A 282 1.54 11.33 -7.80
C THR A 282 1.22 9.89 -8.24
N VAL A 283 0.36 9.20 -7.50
CA VAL A 283 0.10 7.77 -7.68
C VAL A 283 1.40 6.96 -7.67
N LEU A 284 2.29 7.30 -6.76
CA LEU A 284 3.51 6.55 -6.59
C LEU A 284 3.33 5.49 -5.49
N SER A 285 2.16 5.50 -4.85
CA SER A 285 1.91 4.60 -3.72
C SER A 285 2.05 3.09 -4.02
N PRO A 286 1.55 2.62 -5.17
CA PRO A 286 1.72 1.19 -5.47
C PRO A 286 3.20 0.83 -5.63
N TYR A 287 3.96 1.76 -6.18
CA TYR A 287 5.36 1.56 -6.41
C TYR A 287 6.16 1.63 -5.11
N LEU A 288 5.77 2.49 -4.19
CA LEU A 288 6.45 2.56 -2.90
C LEU A 288 6.08 1.38 -2.05
N LYS A 289 4.85 0.93 -2.18
CA LYS A 289 4.37 -0.22 -1.44
C LYS A 289 5.16 -1.49 -1.77
N PHE A 290 5.43 -1.70 -3.04
CA PHE A 290 6.15 -2.87 -3.49
C PHE A 290 7.65 -2.73 -3.45
N GLY A 291 8.14 -1.53 -3.20
CA GLY A 291 9.54 -1.29 -3.23
C GLY A 291 10.09 -1.09 -4.63
N CYS A 292 9.20 -0.96 -5.60
CA CYS A 292 9.57 -0.66 -6.99
C CYS A 292 10.25 0.70 -7.00
N LEU A 293 9.80 1.60 -6.15
CA LEU A 293 10.46 2.91 -5.98
C LEU A 293 11.00 3.01 -4.58
N SER A 294 12.22 3.52 -4.47
CA SER A 294 12.84 3.74 -3.18
C SER A 294 12.26 5.00 -2.57
N ALA A 295 11.73 4.87 -1.37
CA ALA A 295 11.24 6.03 -0.62
C ALA A 295 12.40 6.98 -0.26
N ARG A 296 13.60 6.42 -0.13
CA ARG A 296 14.79 7.20 0.21
C ARG A 296 15.27 7.99 -1.02
N LEU A 297 15.20 7.39 -2.19
CA LEU A 297 15.48 8.10 -3.43
C LEU A 297 14.46 9.24 -3.64
N PHE A 298 13.19 8.95 -3.43
CA PHE A 298 12.14 9.91 -3.67
C PHE A 298 12.30 11.09 -2.70
N ASN A 299 12.60 10.77 -1.45
CA ASN A 299 12.87 11.79 -0.41
C ASN A 299 14.00 12.72 -0.83
N GLN A 300 15.05 12.15 -1.42
CA GLN A 300 16.22 12.92 -1.85
C GLN A 300 15.88 13.86 -3.00
N LYS A 301 15.18 13.35 -4.00
CA LYS A 301 14.70 14.17 -5.11
C LYS A 301 13.85 15.37 -4.66
N LEU A 302 12.95 15.12 -3.73
CA LEU A 302 12.10 16.16 -3.20
C LEU A 302 12.92 17.25 -2.52
N LYS A 303 13.80 16.84 -1.61
CA LYS A 303 14.65 17.79 -0.89
C LYS A 303 15.45 18.69 -1.82
N GLU A 304 16.01 18.12 -2.88
CA GLU A 304 16.75 18.92 -3.86
C GLU A 304 15.86 19.94 -4.53
N ILE A 305 14.60 19.57 -4.76
CA ILE A 305 13.65 20.51 -5.38
C ILE A 305 13.26 21.65 -4.43
N ILE A 306 13.07 21.32 -3.16
CA ILE A 306 12.67 22.32 -2.18
C ILE A 306 13.79 23.35 -1.99
N LYS A 307 15.04 22.92 -2.06
CA LYS A 307 16.19 23.84 -1.99
C LYS A 307 16.23 24.86 -3.15
N ARG A 308 15.68 24.47 -4.29
CA ARG A 308 15.61 25.33 -5.46
C ARG A 308 14.38 26.22 -5.48
N GLN A 309 13.39 25.92 -4.64
CA GLN A 309 12.14 26.66 -4.65
C GLN A 309 11.91 27.36 -3.32
N PRO A 310 12.12 28.69 -3.29
CA PRO A 310 11.98 29.50 -2.10
C PRO A 310 10.58 29.45 -1.53
N LYS A 311 9.59 29.64 -2.38
CA LYS A 311 8.18 29.43 -1.98
C LYS A 311 7.86 27.92 -2.00
N HIS A 312 7.53 27.38 -0.85
CA HIS A 312 7.15 25.97 -0.76
C HIS A 312 6.40 25.65 0.53
N SER A 313 5.57 24.61 0.46
CA SER A 313 4.80 24.19 1.61
C SER A 313 5.66 23.34 2.56
N GLN A 314 5.13 23.09 3.76
CA GLN A 314 5.83 22.34 4.78
C GLN A 314 4.95 21.16 5.24
N PRO A 315 5.53 20.23 5.97
CA PRO A 315 4.77 19.11 6.52
C PRO A 315 3.82 19.71 7.52
N PRO A 316 2.66 19.13 7.81
CA PRO A 316 2.10 17.88 7.28
C PRO A 316 1.62 17.83 5.82
N VAL A 317 1.18 18.96 5.26
CA VAL A 317 0.60 19.07 3.92
C VAL A 317 1.46 18.84 2.70
N SER A 318 2.75 19.13 2.78
CA SER A 318 3.65 19.03 1.65
C SER A 318 3.91 17.63 1.15
N LEU A 319 4.43 17.53 -0.06
CA LEU A 319 4.71 16.24 -0.66
C LEU A 319 5.72 15.48 0.17
N ILE A 320 6.71 16.18 0.71
CA ILE A 320 7.66 15.56 1.62
C ILE A 320 6.94 15.08 2.87
N GLY A 321 6.01 15.88 3.36
CA GLY A 321 5.20 15.53 4.49
C GLY A 321 4.44 14.24 4.33
N GLN A 322 3.91 14.01 3.13
CA GLN A 322 3.19 12.77 2.82
C GLN A 322 4.08 11.55 3.04
N LEU A 323 5.30 11.67 2.57
CA LEU A 323 6.30 10.63 2.71
C LEU A 323 6.61 10.37 4.19
N MET A 324 6.62 11.43 4.97
CA MET A 324 6.81 11.32 6.42
C MET A 324 5.59 10.70 7.11
N TRP A 325 4.41 10.89 6.54
CA TRP A 325 3.21 10.20 7.04
C TRP A 325 3.34 8.70 6.87
N ARG A 326 3.96 8.29 5.77
CA ARG A 326 4.28 6.87 5.56
C ARG A 326 5.19 6.39 6.68
N GLU A 327 6.24 7.16 6.95
CA GLU A 327 7.22 6.81 7.99
C GLU A 327 6.60 6.77 9.38
N PHE A 328 5.70 7.71 9.64
CA PHE A 328 4.99 7.77 10.93
C PHE A 328 4.20 6.48 11.20
N TYR A 329 3.40 6.08 10.23
CA TYR A 329 2.55 4.89 10.39
C TYR A 329 3.36 3.63 10.51
N TYR A 330 4.46 3.56 9.78
CA TYR A 330 5.35 2.42 9.93
C TYR A 330 5.95 2.35 11.32
N THR A 331 6.23 3.51 11.93
CA THR A 331 6.80 3.51 13.27
C THR A 331 5.80 3.04 14.33
N VAL A 332 4.57 3.56 14.29
CA VAL A 332 3.58 3.12 15.26
C VAL A 332 3.19 1.67 15.01
N ALA A 333 3.09 1.30 13.76
CA ALA A 333 2.76 -0.06 13.39
C ALA A 333 3.81 -1.05 13.87
N ALA A 334 5.09 -0.66 13.80
CA ALA A 334 6.20 -1.54 14.22
C ALA A 334 6.18 -1.91 15.70
N ALA A 335 5.46 -1.13 16.49
CA ALA A 335 5.38 -1.36 17.93
C ALA A 335 4.10 -2.09 18.34
N GLU A 336 3.24 -2.49 17.38
CA GLU A 336 1.95 -3.06 17.71
C GLU A 336 1.50 -4.15 16.71
N PRO A 337 1.73 -5.43 17.06
CA PRO A 337 1.32 -6.56 16.25
C PRO A 337 -0.18 -6.60 15.97
N ASN A 338 -0.96 -5.97 16.83
CA ASN A 338 -2.39 -5.88 16.64
C ASN A 338 -2.86 -4.63 15.89
N PHE A 339 -1.94 -3.97 15.20
CA PHE A 339 -2.23 -2.68 14.56
C PHE A 339 -3.46 -2.71 13.66
N ASP A 340 -3.75 -3.88 13.08
CA ASP A 340 -4.82 -4.03 12.10
C ASP A 340 -6.16 -4.48 12.68
N ARG A 341 -6.30 -4.36 14.00
CA ARG A 341 -7.54 -4.73 14.71
C ARG A 341 -7.88 -3.71 15.79
N MET A 342 -9.12 -3.70 16.21
CA MET A 342 -9.56 -2.84 17.34
C MET A 342 -9.15 -3.45 18.70
N LEU A 343 -9.56 -4.69 18.93
CA LEU A 343 -9.24 -5.39 20.18
C LEU A 343 -7.75 -5.66 20.36
N GLY A 344 -7.23 -5.29 21.52
CA GLY A 344 -5.84 -5.55 21.88
C GLY A 344 -4.86 -4.58 21.26
N ASN A 345 -5.41 -3.52 20.69
CA ASN A 345 -4.61 -2.54 19.97
C ASN A 345 -4.38 -1.33 20.86
N VAL A 346 -3.15 -1.13 21.24
CA VAL A 346 -2.81 -0.11 22.20
C VAL A 346 -3.26 1.28 21.78
N TYR A 347 -3.09 1.63 20.52
CA TYR A 347 -3.52 2.91 19.99
C TYR A 347 -5.02 3.15 19.90
N CYS A 348 -5.76 2.10 19.58
CA CYS A 348 -7.16 2.16 19.20
C CYS A 348 -8.25 2.34 20.22
N MET A 349 -9.09 3.32 19.96
CA MET A 349 -10.30 3.56 20.76
C MET A 349 -11.23 2.36 20.61
N GLN A 350 -11.80 1.90 21.71
CA GLN A 350 -12.75 0.79 21.65
C GLN A 350 -14.17 1.33 21.39
N ILE A 351 -14.71 1.00 20.20
CA ILE A 351 -15.99 1.54 19.74
C ILE A 351 -16.95 0.42 19.35
N PRO A 352 -18.21 0.50 19.82
CA PRO A 352 -19.20 -0.57 19.63
C PRO A 352 -19.74 -0.65 18.21
N TRP A 353 -18.87 -0.91 17.24
CA TRP A 353 -19.32 -1.03 15.85
C TRP A 353 -20.38 -2.15 15.77
N GLN A 354 -21.26 -2.07 14.77
CA GLN A 354 -22.35 -3.00 14.62
C GLN A 354 -22.25 -3.85 13.37
N GLU A 355 -23.02 -4.92 13.34
CA GLU A 355 -23.06 -5.75 12.15
C GLU A 355 -24.22 -5.32 11.30
N HIS A 356 -23.93 -4.94 10.08
CA HIS A 356 -24.93 -4.54 9.12
C HIS A 356 -24.56 -5.17 7.79
N PRO A 357 -24.88 -6.44 7.61
CA PRO A 357 -24.48 -7.21 6.43
C PRO A 357 -24.96 -6.72 5.07
N ASP A 358 -26.21 -6.34 4.93
CA ASP A 358 -26.73 -5.76 3.72
C ASP A 358 -26.04 -4.44 3.40
N HIS A 359 -25.93 -3.58 4.39
CA HIS A 359 -25.27 -2.31 4.21
C HIS A 359 -23.81 -2.49 3.82
N LEU A 360 -23.15 -3.47 4.45
CA LEU A 360 -21.77 -3.76 4.13
C LEU A 360 -21.63 -4.21 2.69
N GLU A 361 -22.55 -5.08 2.27
CA GLU A 361 -22.50 -5.59 0.92
C GLU A 361 -22.72 -4.46 -0.08
N ALA A 362 -23.63 -3.56 0.24
CA ALA A 362 -23.97 -2.49 -0.68
C ALA A 362 -22.79 -1.49 -0.82
N TRP A 363 -22.13 -1.19 0.29
CA TRP A 363 -20.97 -0.33 0.29
C TRP A 363 -19.84 -0.99 -0.48
N THR A 364 -19.58 -2.26 -0.17
CA THR A 364 -18.55 -3.02 -0.83
C THR A 364 -18.63 -2.98 -2.36
N HIS A 365 -19.84 -3.05 -2.91
CA HIS A 365 -20.02 -3.08 -4.36
C HIS A 365 -20.50 -1.77 -4.96
N GLY A 366 -20.39 -0.68 -4.20
CA GLY A 366 -20.82 0.59 -4.71
C GLY A 366 -22.29 0.64 -5.10
N ARG A 367 -23.16 0.19 -4.19
N ARG A 367 -23.16 0.12 -4.23
CA ARG A 367 -24.61 0.19 -4.38
CA ARG A 367 -24.61 0.18 -4.41
C ARG A 367 -25.31 0.83 -3.18
C ARG A 367 -25.33 0.85 -3.23
N THR A 368 -24.70 1.86 -2.62
CA THR A 368 -25.30 2.55 -1.49
C THR A 368 -26.46 3.47 -1.84
N GLY A 369 -26.51 3.95 -3.08
CA GLY A 369 -27.51 4.92 -3.46
C GLY A 369 -27.02 6.34 -3.33
N TYR A 370 -25.82 6.48 -2.77
CA TYR A 370 -25.10 7.77 -2.74
C TYR A 370 -24.10 7.78 -3.90
N PRO A 371 -24.47 8.44 -5.02
CA PRO A 371 -23.69 8.42 -6.26
C PRO A 371 -22.21 8.73 -6.08
N PHE A 372 -21.88 9.69 -5.22
CA PHE A 372 -20.48 10.05 -5.00
C PHE A 372 -19.73 8.86 -4.40
N ILE A 373 -20.30 8.28 -3.36
CA ILE A 373 -19.72 7.14 -2.70
C ILE A 373 -19.65 5.92 -3.61
N ASP A 374 -20.70 5.69 -4.38
CA ASP A 374 -20.74 4.56 -5.31
C ASP A 374 -19.70 4.73 -6.43
N ALA A 375 -19.56 5.96 -6.90
CA ALA A 375 -18.59 6.26 -7.95
C ALA A 375 -17.20 5.87 -7.51
N ILE A 376 -16.88 6.22 -6.27
CA ILE A 376 -15.54 5.96 -5.71
C ILE A 376 -15.33 4.45 -5.54
N MET A 377 -16.31 3.75 -4.98
CA MET A 377 -16.15 2.34 -4.71
C MET A 377 -16.00 1.54 -6.02
N ARG A 378 -16.63 2.04 -7.08
CA ARG A 378 -16.52 1.42 -8.37
C ARG A 378 -15.18 1.71 -9.04
N GLN A 379 -14.67 2.95 -8.92
CA GLN A 379 -13.32 3.22 -9.44
C GLN A 379 -12.32 2.33 -8.74
N LEU A 380 -12.43 2.21 -7.42
CA LEU A 380 -11.51 1.39 -6.65
C LEU A 380 -11.48 -0.06 -7.15
N ARG A 381 -12.65 -0.68 -7.27
CA ARG A 381 -12.74 -2.05 -7.70
C ARG A 381 -12.21 -2.22 -9.12
N GLN A 382 -12.59 -1.31 -9.99
CA GLN A 382 -12.13 -1.36 -11.37
C GLN A 382 -10.65 -1.11 -11.63
N GLU A 383 -10.08 -0.11 -10.96
CA GLU A 383 -8.73 0.36 -11.25
C GLU A 383 -7.62 0.18 -10.23
N GLY A 384 -7.97 -0.10 -8.99
CA GLY A 384 -7.01 -0.36 -7.94
C GLY A 384 -6.45 0.84 -7.22
N TRP A 385 -6.85 2.03 -7.61
CA TRP A 385 -6.41 3.23 -6.94
C TRP A 385 -7.49 4.28 -6.88
N ILE A 386 -7.59 4.94 -5.75
CA ILE A 386 -8.48 6.06 -5.56
C ILE A 386 -7.72 7.09 -4.76
N HIS A 387 -8.12 8.33 -4.90
CA HIS A 387 -7.43 9.42 -4.25
C HIS A 387 -7.63 9.39 -2.73
N HIS A 388 -6.65 9.89 -2.00
CA HIS A 388 -6.66 9.88 -0.56
C HIS A 388 -7.98 10.37 0.03
N LEU A 389 -8.49 11.50 -0.47
CA LEU A 389 -9.72 12.11 0.05
C LEU A 389 -10.96 11.35 -0.40
N ALA A 390 -10.87 10.63 -1.53
CA ALA A 390 -11.93 9.71 -1.91
C ALA A 390 -12.01 8.57 -0.91
N ARG A 391 -10.85 8.11 -0.44
CA ARG A 391 -10.80 7.08 0.60
C ARG A 391 -11.45 7.60 1.89
N HIS A 392 -11.18 8.86 2.23
CA HIS A 392 -11.83 9.48 3.38
C HIS A 392 -13.35 9.40 3.24
N ALA A 393 -13.84 9.77 2.06
CA ALA A 393 -15.30 9.81 1.82
C ALA A 393 -15.96 8.44 2.10
N VAL A 394 -15.40 7.37 1.56
CA VAL A 394 -16.03 6.06 1.67
C VAL A 394 -15.73 5.41 2.99
N ALA A 395 -14.57 5.74 3.55
CA ALA A 395 -14.18 5.20 4.88
C ALA A 395 -15.05 5.81 5.97
N CYS A 396 -15.27 7.12 5.87
CA CYS A 396 -16.13 7.83 6.80
C CYS A 396 -17.56 7.32 6.69
N PHE A 397 -18.05 7.16 5.47
CA PHE A 397 -19.40 6.71 5.26
C PHE A 397 -19.62 5.33 5.87
N LEU A 398 -18.65 4.46 5.69
CA LEU A 398 -18.74 3.12 6.22
C LEU A 398 -18.76 3.05 7.75
N THR A 399 -17.94 3.86 8.38
CA THR A 399 -17.73 3.82 9.81
C THR A 399 -18.51 4.82 10.64
N ARG A 400 -17.81 5.81 11.16
CA ARG A 400 -18.43 6.81 12.02
C ARG A 400 -19.50 7.64 11.35
N GLY A 401 -19.32 8.01 10.09
CA GLY A 401 -20.31 8.82 9.43
C GLY A 401 -21.70 8.32 9.18
N ASP A 402 -21.87 7.11 8.66
CA ASP A 402 -23.20 6.62 8.31
C ASP A 402 -23.56 5.20 8.74
N LEU A 403 -22.91 4.22 8.14
CA LEU A 403 -23.19 2.82 8.38
C LEU A 403 -22.87 2.25 9.77
N TRP A 404 -21.94 2.86 10.46
CA TRP A 404 -21.53 2.38 11.77
C TRP A 404 -21.00 0.95 11.71
N ILE A 405 -20.27 0.64 10.65
CA ILE A 405 -19.62 -0.65 10.51
C ILE A 405 -18.15 -0.50 10.88
N SER A 406 -17.57 -1.54 11.44
CA SER A 406 -16.19 -1.52 11.86
C SER A 406 -15.21 -1.21 10.72
N TRP A 407 -14.15 -0.49 11.07
CA TRP A 407 -13.12 -0.16 10.13
C TRP A 407 -12.35 -1.39 9.66
N GLU A 408 -12.39 -2.47 10.43
CA GLU A 408 -11.75 -3.71 10.02
C GLU A 408 -12.42 -4.31 8.78
N GLU A 409 -13.72 -4.11 8.62
CA GLU A 409 -14.45 -4.56 7.39
C GLU A 409 -14.05 -3.71 6.18
N GLY A 410 -13.91 -2.42 6.39
CA GLY A 410 -13.43 -1.53 5.34
C GLY A 410 -12.00 -1.85 4.96
N GLN A 411 -11.16 -2.05 5.96
CA GLN A 411 -9.78 -2.43 5.75
C GLN A 411 -9.64 -3.67 4.88
N ARG A 412 -10.50 -4.65 5.14
CA ARG A 412 -10.50 -5.90 4.42
C ARG A 412 -10.81 -5.72 2.95
N VAL A 413 -11.85 -4.95 2.66
CA VAL A 413 -12.20 -4.62 1.28
C VAL A 413 -11.08 -3.89 0.54
N PHE A 414 -10.53 -2.85 1.15
CA PHE A 414 -9.39 -2.14 0.57
C PHE A 414 -8.22 -3.09 0.32
N GLU A 415 -7.95 -4.00 1.24
CA GLU A 415 -6.83 -4.91 1.11
C GLU A 415 -6.98 -5.72 -0.15
N GLN A 416 -8.20 -6.16 -0.42
CA GLN A 416 -8.49 -6.86 -1.63
C GLN A 416 -8.32 -6.04 -2.91
N LEU A 417 -8.80 -4.80 -2.90
CA LEU A 417 -8.83 -3.95 -4.09
C LEU A 417 -7.69 -3.00 -4.42
N LEU A 418 -6.93 -2.56 -3.43
CA LEU A 418 -5.85 -1.62 -3.65
C LEU A 418 -4.56 -2.19 -4.18
N LEU A 419 -4.02 -1.56 -5.21
CA LEU A 419 -2.71 -1.87 -5.72
C LEU A 419 -1.70 -1.56 -4.62
N ASP A 420 -1.94 -0.49 -3.87
CA ASP A 420 -0.98 -0.05 -2.85
C ASP A 420 -1.26 -0.61 -1.46
N GLN A 421 -2.13 -1.62 -1.37
CA GLN A 421 -2.43 -2.29 -0.09
C GLN A 421 -1.18 -2.44 0.76
N ASP A 422 -1.20 -1.79 1.91
CA ASP A 422 -0.05 -1.77 2.83
C ASP A 422 -0.55 -1.95 4.25
N TRP A 423 -0.05 -2.98 4.92
CA TRP A 423 -0.55 -3.39 6.23
C TRP A 423 -0.60 -2.22 7.20
N ALA A 424 0.51 -1.51 7.35
CA ALA A 424 0.59 -0.39 8.28
C ALA A 424 -0.23 0.83 7.82
N LEU A 425 -0.10 1.18 6.54
CA LEU A 425 -0.73 2.38 6.01
C LEU A 425 -2.23 2.23 5.98
N ASN A 426 -2.70 1.06 5.58
CA ASN A 426 -4.13 0.79 5.50
C ASN A 426 -4.76 0.80 6.92
N ALA A 427 -4.14 0.08 7.85
CA ALA A 427 -4.61 0.08 9.24
C ALA A 427 -4.60 1.49 9.84
N GLY A 428 -3.51 2.20 9.64
CA GLY A 428 -3.33 3.52 10.24
C GLY A 428 -4.39 4.53 9.82
N ASN A 429 -4.60 4.65 8.51
CA ASN A 429 -5.57 5.58 7.98
C ASN A 429 -7.05 5.19 8.24
N TRP A 430 -7.33 3.90 8.29
CA TRP A 430 -8.67 3.44 8.68
C TRP A 430 -8.96 3.82 10.12
N MET A 431 -7.97 3.69 10.99
CA MET A 431 -8.10 4.14 12.38
C MET A 431 -8.26 5.65 12.46
N TRP A 432 -7.47 6.37 11.66
CA TRP A 432 -7.58 7.83 11.55
C TRP A 432 -8.98 8.20 11.15
N LEU A 433 -9.44 7.64 10.04
CA LEU A 433 -10.72 8.05 9.47
C LEU A 433 -11.92 7.73 10.36
N SER A 434 -11.85 6.63 11.09
CA SER A 434 -12.91 6.26 12.01
C SER A 434 -12.75 6.95 13.36
N ALA A 435 -11.77 7.85 13.44
CA ALA A 435 -11.49 8.58 14.67
C ALA A 435 -11.31 7.60 15.81
N SER A 436 -10.58 6.52 15.55
CA SER A 436 -10.23 5.52 16.58
C SER A 436 -8.83 5.79 17.16
N ALA A 437 -8.00 6.44 16.35
CA ALA A 437 -6.64 6.77 16.76
C ALA A 437 -6.16 7.95 15.93
N PHE A 438 -5.31 8.77 16.55
CA PHE A 438 -4.61 9.86 15.86
C PHE A 438 -5.49 11.04 15.50
N PHE A 439 -6.72 10.77 15.06
CA PHE A 439 -7.70 11.80 14.79
C PHE A 439 -8.85 11.63 15.77
N HIS A 440 -9.34 12.73 16.33
CA HIS A 440 -10.38 12.66 17.37
C HIS A 440 -11.48 13.71 17.25
N GLN A 441 -11.41 14.56 16.23
CA GLN A 441 -12.44 15.58 16.00
C GLN A 441 -13.63 15.03 15.21
N TYR A 442 -14.34 14.09 15.84
CA TYR A 442 -15.42 13.33 15.22
C TYR A 442 -16.65 14.14 14.86
N PHE A 443 -16.76 15.33 15.41
CA PHE A 443 -17.82 16.28 15.03
C PHE A 443 -17.65 16.69 13.56
N ARG A 444 -16.43 16.63 13.01
CA ARG A 444 -16.25 16.86 11.58
C ARG A 444 -16.64 15.62 10.80
N VAL A 445 -17.66 15.71 9.94
CA VAL A 445 -18.11 14.55 9.18
C VAL A 445 -18.32 14.88 7.72
N TYR A 446 -17.66 14.10 6.86
CA TYR A 446 -17.81 14.23 5.40
C TYR A 446 -19.27 13.99 4.98
N SER A 447 -19.78 14.86 4.14
CA SER A 447 -21.08 14.66 3.56
C SER A 447 -20.97 13.90 2.25
N PRO A 448 -21.59 12.70 2.18
CA PRO A 448 -21.60 11.90 0.96
C PRO A 448 -22.15 12.72 -0.20
N VAL A 449 -22.90 13.74 0.12
CA VAL A 449 -23.51 14.60 -0.88
C VAL A 449 -22.77 15.90 -1.23
N ALA A 450 -22.30 16.62 -0.23
CA ALA A 450 -21.65 17.88 -0.50
C ALA A 450 -20.17 17.87 -0.77
N PHE A 451 -19.45 16.91 -0.22
CA PHE A 451 -18.00 16.94 -0.26
C PHE A 451 -17.42 16.95 -1.66
N GLY A 452 -17.99 16.16 -2.54
CA GLY A 452 -17.51 16.06 -3.91
C GLY A 452 -17.86 17.24 -4.82
N LYS A 453 -18.92 17.96 -4.47
CA LYS A 453 -19.39 19.09 -5.31
C LYS A 453 -18.34 20.17 -5.50
N LYS A 454 -17.57 20.40 -4.45
CA LYS A 454 -16.60 21.49 -4.41
C LYS A 454 -15.58 21.42 -5.54
N THR A 455 -15.15 20.22 -5.88
CA THR A 455 -14.14 20.02 -6.91
C THR A 455 -14.71 19.52 -8.22
N ASP A 456 -15.97 19.10 -8.22
CA ASP A 456 -16.61 18.53 -9.43
C ASP A 456 -18.10 18.85 -9.42
N PRO A 457 -18.44 20.15 -9.49
CA PRO A 457 -19.82 20.62 -9.48
C PRO A 457 -20.73 19.99 -10.53
N GLN A 458 -20.19 19.60 -11.67
CA GLN A 458 -20.97 19.01 -12.74
C GLN A 458 -21.15 17.48 -12.57
N GLY A 459 -20.34 16.88 -11.73
CA GLY A 459 -20.44 15.47 -11.45
C GLY A 459 -19.85 14.57 -12.54
N HIS A 460 -18.84 15.07 -13.25
CA HIS A 460 -18.17 14.29 -14.31
C HIS A 460 -17.68 12.94 -13.80
N TYR A 461 -17.17 12.92 -12.59
CA TYR A 461 -16.66 11.72 -11.97
C TYR A 461 -17.76 10.70 -11.78
N ILE A 462 -18.91 11.17 -11.32
CA ILE A 462 -20.09 10.32 -11.11
C ILE A 462 -20.61 9.77 -12.45
N ARG A 463 -20.78 10.64 -13.44
CA ARG A 463 -21.23 10.26 -14.74
C ARG A 463 -20.37 9.14 -15.33
N LYS A 464 -19.07 9.19 -15.06
CA LYS A 464 -18.15 8.17 -15.52
C LYS A 464 -18.29 6.81 -14.81
N TYR A 465 -18.24 6.81 -13.49
CA TYR A 465 -18.24 5.55 -12.75
C TYR A 465 -19.62 5.04 -12.36
N VAL A 466 -20.63 5.91 -12.43
CA VAL A 466 -22.02 5.50 -12.29
C VAL A 466 -22.78 5.95 -13.54
N PRO A 467 -22.51 5.27 -14.68
CA PRO A 467 -23.01 5.68 -16.00
C PRO A 467 -24.52 5.73 -16.09
N GLU A 468 -25.20 4.93 -15.28
CA GLU A 468 -26.66 4.92 -15.31
C GLU A 468 -27.31 6.25 -14.91
N LEU A 469 -26.57 7.08 -14.18
CA LEU A 469 -27.05 8.40 -13.78
C LEU A 469 -26.55 9.55 -14.69
N SER A 470 -25.92 9.20 -15.81
CA SER A 470 -25.15 10.16 -16.59
C SER A 470 -25.99 11.24 -17.24
N LYS A 471 -27.30 11.07 -17.29
CA LYS A 471 -28.21 12.11 -17.82
C LYS A 471 -28.84 13.03 -16.76
N TYR A 472 -28.58 12.77 -15.48
CA TYR A 472 -29.10 13.61 -14.39
C TYR A 472 -28.47 14.98 -14.45
N PRO A 473 -29.27 16.01 -14.28
CA PRO A 473 -28.73 17.36 -14.17
C PRO A 473 -27.79 17.44 -12.96
N ALA A 474 -26.80 18.32 -13.03
CA ALA A 474 -25.90 18.53 -11.92
C ALA A 474 -26.68 18.86 -10.67
N GLY A 475 -27.85 19.44 -10.86
CA GLY A 475 -28.68 19.85 -9.74
C GLY A 475 -29.13 18.78 -8.81
N CYS A 476 -29.13 17.53 -9.26
CA CYS A 476 -29.53 16.43 -8.39
C CYS A 476 -28.78 15.13 -8.61
N ILE A 477 -27.72 15.17 -9.38
CA ILE A 477 -26.93 13.98 -9.63
C ILE A 477 -26.22 13.46 -8.37
N TYR A 478 -25.88 14.34 -7.43
CA TYR A 478 -25.32 13.89 -6.16
C TYR A 478 -26.41 13.40 -5.18
N GLU A 479 -27.67 13.67 -5.51
CA GLU A 479 -28.79 13.34 -4.66
C GLU A 479 -30.02 13.01 -5.49
N PRO A 480 -29.97 11.88 -6.22
CA PRO A 480 -30.98 11.51 -7.20
C PRO A 480 -32.40 11.40 -6.63
N TRP A 481 -32.50 11.06 -5.34
CA TRP A 481 -33.81 10.97 -4.66
C TRP A 481 -34.60 12.29 -4.67
N LYS A 482 -33.97 13.41 -4.99
CA LYS A 482 -34.68 14.67 -5.12
C LYS A 482 -35.48 14.75 -6.43
N ALA A 483 -35.20 13.85 -7.38
CA ALA A 483 -35.88 13.82 -8.67
C ALA A 483 -37.20 13.06 -8.60
N SER A 484 -38.25 13.66 -9.17
CA SER A 484 -39.54 12.97 -9.27
C SER A 484 -39.48 11.80 -10.23
N LEU A 485 -40.49 10.94 -10.14
CA LEU A 485 -40.54 9.73 -10.96
C LEU A 485 -40.53 10.10 -12.45
N VAL A 486 -41.28 11.13 -12.82
CA VAL A 486 -41.29 11.57 -14.21
C VAL A 486 -39.91 12.05 -14.62
N ASP A 487 -39.22 12.76 -13.74
CA ASP A 487 -37.85 13.19 -14.00
C ASP A 487 -36.97 11.96 -14.19
N GLN A 488 -37.08 11.02 -13.26
CA GLN A 488 -36.26 9.81 -13.33
C GLN A 488 -36.41 9.09 -14.67
N ARG A 489 -37.64 9.00 -15.16
CA ARG A 489 -37.92 8.37 -16.45
C ARG A 489 -37.29 9.14 -17.59
N ALA A 490 -37.43 10.46 -17.55
CA ALA A 490 -36.84 11.32 -18.58
C ALA A 490 -35.31 11.22 -18.60
N TYR A 491 -34.69 10.89 -17.47
CA TYR A 491 -33.23 10.68 -17.42
C TYR A 491 -32.88 9.22 -17.70
N GLY A 492 -33.90 8.40 -17.91
CA GLY A 492 -33.70 7.02 -18.27
C GLY A 492 -33.04 6.20 -17.18
N CYS A 493 -33.30 6.57 -15.94
CA CYS A 493 -32.80 5.82 -14.78
C CYS A 493 -33.72 5.94 -13.57
N VAL A 494 -34.58 4.96 -13.39
CA VAL A 494 -35.57 4.99 -12.32
C VAL A 494 -35.01 4.39 -11.06
N LEU A 495 -35.08 5.16 -9.97
CA LEU A 495 -34.52 4.72 -8.69
C LEU A 495 -35.28 3.50 -8.16
N GLY A 496 -34.54 2.53 -7.65
CA GLY A 496 -35.12 1.25 -7.21
C GLY A 496 -35.10 0.21 -8.33
N THR A 497 -34.80 0.64 -9.56
CA THR A 497 -34.75 -0.25 -10.70
C THR A 497 -33.37 -0.28 -11.35
N ASP A 498 -32.95 0.87 -11.87
CA ASP A 498 -31.68 0.97 -12.56
C ASP A 498 -30.55 1.45 -11.62
N TYR A 499 -30.94 2.05 -10.51
CA TYR A 499 -30.02 2.55 -9.50
C TYR A 499 -30.70 2.44 -8.14
N PRO A 500 -29.96 2.03 -7.12
CA PRO A 500 -30.54 1.79 -5.80
C PRO A 500 -31.03 2.99 -5.03
N HIS A 501 -32.04 2.77 -4.20
CA HIS A 501 -32.51 3.74 -3.26
C HIS A 501 -31.41 3.85 -2.22
N ARG A 502 -31.20 5.04 -1.70
CA ARG A 502 -30.17 5.23 -0.69
C ARG A 502 -30.47 4.39 0.53
N ILE A 503 -29.46 3.62 0.96
CA ILE A 503 -29.63 2.63 2.03
C ILE A 503 -29.80 3.25 3.43
N VAL A 504 -29.39 4.50 3.61
CA VAL A 504 -29.63 5.25 4.85
C VAL A 504 -29.76 6.73 4.56
N LYS A 505 -30.26 7.46 5.55
CA LYS A 505 -30.40 8.91 5.43
C LYS A 505 -29.27 9.63 6.15
N HIS A 506 -28.32 10.19 5.39
CA HIS A 506 -27.13 10.79 5.99
C HIS A 506 -27.49 11.89 6.98
N GLU A 507 -28.42 12.76 6.60
CA GLU A 507 -28.82 13.89 7.43
C GLU A 507 -29.36 13.48 8.81
N VAL A 508 -29.83 12.25 8.94
CA VAL A 508 -30.27 11.74 10.23
C VAL A 508 -29.18 10.89 10.94
N VAL A 509 -28.72 9.83 10.30
CA VAL A 509 -27.82 8.88 10.96
C VAL A 509 -26.52 9.49 11.46
N HIS A 510 -26.01 10.48 10.74
CA HIS A 510 -24.70 11.01 11.08
C HIS A 510 -24.77 11.79 12.41
N LYS A 511 -25.89 12.44 12.65
CA LYS A 511 -26.11 13.15 13.90
C LYS A 511 -26.19 12.14 15.06
N GLU A 512 -26.89 11.05 14.86
CA GLU A 512 -26.98 10.01 15.89
C GLU A 512 -25.65 9.30 16.10
N ASN A 513 -24.87 9.15 15.03
CA ASN A 513 -23.55 8.51 15.15
C ASN A 513 -22.55 9.39 15.92
N ILE A 514 -22.60 10.69 15.69
CA ILE A 514 -21.81 11.64 16.45
C ILE A 514 -21.97 11.39 17.95
N LYS A 515 -23.22 11.21 18.37
CA LYS A 515 -23.49 10.96 19.79
C LYS A 515 -22.99 9.60 20.25
N ARG A 516 -23.08 8.59 19.38
CA ARG A 516 -22.50 7.31 19.65
C ARG A 516 -20.99 7.45 19.87
N MET A 517 -20.36 8.33 19.10
CA MET A 517 -18.92 8.50 19.18
C MET A 517 -18.57 9.18 20.51
N GLY A 518 -19.30 10.22 20.83
CA GLY A 518 -19.13 10.90 22.11
C GLY A 518 -19.29 9.94 23.25
N ALA A 519 -20.32 9.11 23.17
CA ALA A 519 -20.57 8.11 24.21
C ALA A 519 -19.40 7.11 24.34
N ALA A 520 -18.86 6.66 23.21
CA ALA A 520 -17.76 5.69 23.24
C ALA A 520 -16.46 6.32 23.74
N TYR A 521 -16.23 7.57 23.37
CA TYR A 521 -15.07 8.31 23.86
C TYR A 521 -15.11 8.43 25.39
N LYS A 522 -16.29 8.72 25.91
CA LYS A 522 -16.49 8.81 27.39
C LYS A 522 -16.15 7.52 28.11
N VAL A 523 -16.64 6.41 27.59
CA VAL A 523 -16.29 5.09 28.13
C VAL A 523 -14.80 4.80 28.11
N ASN A 524 -14.11 5.28 27.08
CA ASN A 524 -12.66 5.08 27.00
C ASN A 524 -11.91 5.96 27.98
N ARG A 525 -12.39 7.19 28.18
CA ARG A 525 -11.81 8.08 29.19
C ARG A 525 -11.84 7.46 30.59
N GLU A 526 -12.96 6.82 30.91
CA GLU A 526 -13.13 6.18 32.20
C GLU A 526 -12.07 5.10 32.36
N VAL A 527 -12.01 4.21 31.37
CA VAL A 527 -11.09 3.08 31.38
C VAL A 527 -9.65 3.56 31.58
N ARG A 528 -9.27 4.61 30.85
CA ARG A 528 -7.89 5.14 30.89
C ARG A 528 -7.52 5.64 32.27
N THR A 529 -8.37 6.51 32.82
CA THR A 529 -8.16 7.07 34.16
C THR A 529 -8.46 6.00 35.23
N GLY A 530 -9.16 4.93 34.82
CA GLY A 530 -9.51 3.81 35.71
C GLY A 530 -8.35 2.88 36.05
N LYS A 531 -7.36 2.78 35.15
CA LYS A 531 -6.17 1.96 35.37
C LYS A 531 -5.14 2.65 36.30
N GLU A 532 -5.33 3.95 36.51
CA GLU A 532 -4.37 4.77 37.27
C GLU A 532 -4.52 4.55 38.78
P TDY B 8 -1.49 16.59 12.68
OP1 TDY B 8 -1.80 15.16 12.96
O5' TDY B 8 -1.69 16.92 11.18
C5' TDY B 8 -2.95 16.58 10.55
C4' TDY B 8 -3.09 17.31 9.23
O4' TDY B 8 -2.21 16.67 8.24
C3' TDY B 8 -4.45 17.26 8.61
O3' TDY B 8 -5.26 18.29 9.16
C2' TDY B 8 -4.13 17.46 7.13
C1' TDY B 8 -2.76 16.85 6.96
N1 TDY B 8 -2.72 15.50 6.26
C2 TDY B 8 -2.04 15.42 5.14
O2 TDY B 8 -1.43 16.36 4.61
N3 TDY B 8 -1.98 14.20 4.47
C4 TDY B 8 -2.60 13.04 4.94
O4 TDY B 8 -2.52 12.01 4.28
C5 TDY B 8 -3.20 13.08 6.34
C5M TDY B 8 -2.17 12.71 7.39
C6 TDY B 8 -3.72 14.51 6.67
N5 TDY B 8 -4.29 12.29 6.40
OP2 TDY B 8 -0.21 17.17 13.10
CM5 TDY B 8 -5.16 11.48 7.14
P CDW B 9 -6.73 18.05 9.63
OP1 CDW B 9 -7.15 19.30 10.37
OP2 CDW B 9 -6.83 16.72 10.25
O5' CDW B 9 -7.57 17.93 8.28
C5' CDW B 9 -7.75 19.04 7.41
C4' CDW B 9 -8.44 18.58 6.12
O4' CDW B 9 -7.50 18.00 5.18
C3' CDW B 9 -9.50 17.52 6.36
O3' CDW B 9 -10.79 18.05 6.26
C2' CDW B 9 -9.37 16.53 5.25
C1' CDW B 9 -8.14 16.96 4.46
N1 CDW B 9 -7.25 15.83 4.41
C2 CDW B 9 -5.99 15.66 3.87
O2 CDW B 9 -5.43 16.21 2.94
N3 CDW B 9 -5.63 14.62 4.79
C4 CDW B 9 -5.06 14.60 5.98
C6 CDW B 9 -6.99 14.82 5.36
C5 CDW B 9 -6.31 14.80 6.62
PA FAD D . 0.71 11.35 -2.81
O1A FAD D . 1.38 11.59 -4.07
O2A FAD D . -0.21 12.37 -2.28
O5B FAD D . 1.83 11.05 -1.68
C5B FAD D . 3.08 10.45 -1.94
C4B FAD D . 3.35 9.18 -1.09
O4B FAD D . 3.26 9.54 0.30
C3B FAD D . 2.28 8.13 -1.28
O3B FAD D . 2.61 7.33 -2.42
C2B FAD D . 2.42 7.32 -0.01
O2B FAD D . 3.57 6.42 -0.05
C1B FAD D . 2.65 8.44 1.01
N9A FAD D . 1.40 8.87 1.59
C8A FAD D . 0.54 9.80 1.12
N7A FAD D . -0.50 9.89 1.94
C5A FAD D . -0.31 9.05 2.95
C6A FAD D . -1.03 8.72 4.10
N6A FAD D . -2.18 9.30 4.38
N1A FAD D . -0.56 7.79 4.92
C2A FAD D . 0.61 7.19 4.65
N3A FAD D . 1.32 7.46 3.60
C4A FAD D . 0.89 8.38 2.73
N1 FAD D . -1.69 4.14 1.33
C2 FAD D . -0.99 3.05 0.91
O2 FAD D . 0.11 3.20 0.41
N3 FAD D . -1.52 1.77 1.16
C4 FAD D . -2.78 1.63 1.72
O4 FAD D . -3.25 0.51 1.90
C4X FAD D . -3.49 2.77 2.09
N5 FAD D . -4.77 2.62 2.69
C5X FAD D . -5.50 3.74 3.09
C6 FAD D . -6.76 3.58 3.67
C7 FAD D . -7.52 4.68 4.04
C7M FAD D . -8.90 4.53 4.70
C8 FAD D . -7.00 5.94 3.81
C8M FAD D . -7.80 7.19 4.21
C9 FAD D . -5.75 6.09 3.26
C9A FAD D . -4.98 5.01 2.87
N10 FAD D . -3.72 5.16 2.28
C10 FAD D . -2.98 4.03 1.90
C1' FAD D . -3.08 6.55 2.22
C2' FAD D . -3.22 7.39 1.00
O2' FAD D . -4.60 7.54 0.65
C3' FAD D . -2.44 6.83 -0.18
O3' FAD D . -1.08 6.62 0.22
C4' FAD D . -2.46 7.87 -1.35
O4' FAD D . -3.82 8.04 -1.76
C5' FAD D . -1.62 7.35 -2.55
O5' FAD D . -1.72 8.27 -3.64
P FAD D . -0.40 9.04 -4.08
O1P FAD D . 0.70 8.11 -4.25
O2P FAD D . -0.82 9.90 -5.20
O3P FAD D . -0.10 9.95 -2.78
#